data_5DUM
#
_entry.id   5DUM
#
_cell.length_a   63.539
_cell.length_b   92.981
_cell.length_c   134.005
_cell.angle_alpha   90.00
_cell.angle_beta   90.00
_cell.angle_gamma   90.00
#
_symmetry.space_group_name_H-M   'P 2 21 21'
#
loop_
_entity.id
_entity.type
_entity.pdbx_description
1 polymer '65C6 Heavy Chain'
2 polymer '65C6 Light Chain'
3 polymer Hemagglutinin
4 non-polymer 2-acetamido-2-deoxy-beta-D-glucopyranose
#
loop_
_entity_poly.entity_id
_entity_poly.type
_entity_poly.pdbx_seq_one_letter_code
_entity_poly.pdbx_strand_id
1 'polypeptide(L)'
;EVQLVQSGAEVKKPGESLRISCKGFAYSSTYFWISWVRQMPGKGLEWMGRIDPTDSYINYSPSFQGHVTISVDRSISTVY
LQWSSLKASDTAMYYCAYHRRGHFYGSGSAWDWFESWGQGTLVTVSSASTKGPSVFPLAPSSKSTSGGTAALGCLVKDYF
PEPVTVSWNSGALTSGVHTFPAVLQSSGLYSLSSVVTVPSSSLGTQTYICNVNHKPSNTKVDKKVESASCDKTHTCP
;
H
2 'polypeptide(L)'
;EIVLTQSPLTLSVSPGERATLSCRASQSVSSNLAWYQQMPGQAPRLLIYGASTRATGIPARLSGSASGTEFTLTISSLQS
EDFAVYYCQQYNNWPYTFGQGTKLEIKRTVAAPSVFIFPPSDEQLKSGTASVVCLLNNFYPREAKVQWKVDNALQSGNSQ
ESVTEQDSKDSTYSLSSTLTLSKADYEKHKVYACEVTHQGLSSPVTKSFNRGEC
;
L
3 'polypeptide(L)'
;ADPDGVKPLILRDCSVAGWLLGNPMCDEFINVPEWSYIVEKANPANDLCYPGNFNDYEELKHLLSRINHFEKIQIIPKSS
WSDHEASSGVSSACPYQGTPSFFRNVVWLIKKNNTYPTIKRSYNNTNQEDLLILWGIHHSNDAAEQTKLYQNPTTYISVG
TSTLNQRLVPKIATRSKVNGQSGRMDFFWTILKPNDAINFESNGNFIAPEYAYKIVKKGDSAIVKSEHHHHHH
;
A
#
# COMPACT_ATOMS: atom_id res chain seq x y z
N VAL A 2 -4.86 12.79 -11.05
CA VAL A 2 -5.85 12.75 -9.97
C VAL A 2 -5.29 13.21 -8.63
N GLN A 3 -6.18 13.60 -7.73
CA GLN A 3 -5.80 14.06 -6.40
C GLN A 3 -6.90 13.66 -5.43
N LEU A 4 -6.58 12.70 -4.56
CA LEU A 4 -7.58 12.13 -3.69
C LEU A 4 -7.63 12.86 -2.36
N VAL A 5 -8.83 13.22 -1.94
CA VAL A 5 -8.98 13.83 -0.63
C VAL A 5 -9.95 12.98 0.15
N GLN A 6 -9.65 12.78 1.42
CA GLN A 6 -10.54 11.97 2.23
C GLN A 6 -11.16 12.82 3.32
N SER A 7 -12.24 12.30 3.90
CA SER A 7 -12.91 12.97 5.00
C SER A 7 -12.00 13.06 6.22
N GLY A 8 -12.38 13.88 7.18
CA GLY A 8 -11.58 14.08 8.37
C GLY A 8 -11.53 12.91 9.33
N ALA A 9 -10.85 13.12 10.46
CA ALA A 9 -10.56 12.05 11.41
C ALA A 9 -11.76 11.67 12.25
N GLU A 10 -11.80 10.42 12.71
CA GLU A 10 -12.95 9.91 13.45
C GLU A 10 -12.57 9.18 14.74
N VAL A 11 -13.34 9.46 15.80
CA VAL A 11 -13.26 8.74 17.07
C VAL A 11 -14.61 8.12 17.39
N LYS A 12 -14.62 6.82 17.61
CA LYS A 12 -15.88 6.10 17.86
C LYS A 12 -15.69 4.98 18.90
N LYS A 13 -16.82 4.47 19.44
CA LYS A 13 -16.85 3.35 20.40
C LYS A 13 -17.37 2.07 19.76
N PRO A 14 -16.88 0.89 20.19
CA PRO A 14 -17.31 -0.37 19.59
C PRO A 14 -18.82 -0.47 19.35
N GLY A 15 -19.25 -1.00 18.21
CA GLY A 15 -20.66 -1.18 17.93
C GLY A 15 -21.32 -0.02 17.22
N GLU A 16 -20.53 1.01 16.90
CA GLU A 16 -21.03 2.17 16.17
C GLU A 16 -20.81 2.02 14.65
N SER A 17 -21.65 2.67 13.87
CA SER A 17 -21.46 2.68 12.42
C SER A 17 -20.50 3.79 12.08
N LEU A 18 -19.76 3.59 11.00
CA LEU A 18 -18.80 4.59 10.53
C LEU A 18 -18.64 4.43 9.06
N ARG A 19 -18.69 5.56 8.38
CA ARG A 19 -18.53 5.60 6.96
C ARG A 19 -17.57 6.72 6.63
N ILE A 20 -16.34 6.37 6.28
CA ILE A 20 -15.40 7.39 5.82
C ILE A 20 -15.47 7.51 4.29
N SER A 21 -14.97 8.62 3.79
CA SER A 21 -15.21 8.99 2.42
C SER A 21 -13.93 9.41 1.71
N CYS A 22 -14.00 9.40 0.39
CA CYS A 22 -12.82 9.66 -0.45
C CYS A 22 -13.24 10.06 -1.85
N LYS A 23 -12.95 11.31 -2.19
CA LYS A 23 -13.27 11.87 -3.49
C LYS A 23 -12.01 12.52 -4.09
N GLY A 24 -12.12 12.88 -5.37
CA GLY A 24 -11.06 13.61 -6.03
C GLY A 24 -10.65 13.01 -7.36
N PHE A 25 -11.55 12.23 -7.96
CA PHE A 25 -11.25 11.54 -9.22
C PHE A 25 -12.36 11.68 -10.28
N ALA A 26 -13.18 12.73 -10.15
CA ALA A 26 -14.38 12.95 -10.98
C ALA A 26 -14.24 12.67 -12.50
N TYR A 27 -13.03 12.83 -13.04
CA TYR A 27 -12.73 12.29 -14.38
C TYR A 27 -11.45 11.49 -14.36
N SER A 28 -11.47 10.36 -15.05
CA SER A 28 -10.29 9.55 -15.30
C SER A 28 -10.49 8.87 -16.63
N SER A 29 -9.42 8.31 -17.18
CA SER A 29 -9.59 7.58 -18.42
C SER A 29 -8.48 6.61 -18.78
N THR A 30 -8.86 5.35 -18.68
CA THR A 30 -10.20 5.03 -18.21
C THR A 30 -9.87 3.83 -17.42
N TYR A 31 -10.87 3.00 -17.10
CA TYR A 31 -10.61 1.79 -16.34
C TYR A 31 -9.70 2.10 -15.16
N PHE A 32 -10.25 2.47 -14.02
CA PHE A 32 -9.36 2.65 -12.89
C PHE A 32 -9.99 2.10 -11.67
N TRP A 33 -9.12 1.65 -10.79
CA TRP A 33 -9.46 1.15 -9.48
C TRP A 33 -9.23 2.18 -8.39
N ILE A 34 -10.22 2.37 -7.53
CA ILE A 34 -9.97 2.98 -6.23
C ILE A 34 -9.90 1.91 -5.13
N SER A 35 -8.76 1.81 -4.46
CA SER A 35 -8.57 0.81 -3.42
C SER A 35 -8.56 1.41 -2.03
N TRP A 36 -8.85 0.57 -1.04
CA TRP A 36 -8.71 0.95 0.36
C TRP A 36 -7.59 0.18 1.02
N VAL A 37 -6.70 0.94 1.63
CA VAL A 37 -5.53 0.42 2.31
C VAL A 37 -5.60 0.82 3.78
N ARG A 38 -5.31 -0.14 4.68
CA ARG A 38 -5.32 0.09 6.12
C ARG A 38 -3.89 0.02 6.67
N GLN A 39 -3.53 0.94 7.56
CA GLN A 39 -2.20 0.89 8.17
C GLN A 39 -2.27 1.05 9.67
N MET A 40 -1.90 -0.02 10.34
CA MET A 40 -1.99 -0.06 11.77
C MET A 40 -0.79 0.59 12.36
N PRO A 41 -0.98 1.21 13.54
CA PRO A 41 0.11 1.87 14.24
C PRO A 41 1.32 0.96 14.29
N GLY A 42 2.42 1.40 13.67
CA GLY A 42 3.66 0.64 13.66
C GLY A 42 3.78 -0.45 12.62
N LYS A 43 2.66 -1.04 12.22
CA LYS A 43 2.73 -2.19 11.33
C LYS A 43 2.84 -1.74 9.86
N GLY A 44 3.01 -2.70 8.96
CA GLY A 44 3.07 -2.41 7.54
C GLY A 44 1.72 -2.00 7.00
N LEU A 45 1.37 -2.45 5.80
CA LEU A 45 0.14 -1.97 5.14
C LEU A 45 -0.71 -3.09 4.61
N GLU A 46 -2.00 -2.87 4.54
CA GLU A 46 -2.94 -3.94 4.24
C GLU A 46 -3.94 -3.51 3.17
N TRP A 47 -3.99 -4.24 2.05
CA TRP A 47 -4.98 -3.92 1.03
C TRP A 47 -6.31 -4.52 1.46
N MET A 48 -7.37 -3.71 1.46
CA MET A 48 -8.68 -4.20 1.88
C MET A 48 -9.56 -4.58 0.69
N GLY A 49 -9.60 -3.75 -0.35
CA GLY A 49 -10.46 -4.02 -1.49
C GLY A 49 -10.37 -2.92 -2.52
N ARG A 50 -11.17 -3.03 -3.56
CA ARG A 50 -11.11 -2.08 -4.68
C ARG A 50 -12.42 -1.97 -5.42
N ILE A 51 -12.64 -0.83 -6.04
CA ILE A 51 -13.89 -0.56 -6.71
C ILE A 51 -13.67 0.28 -7.97
N ASP A 52 -14.45 -0.02 -9.02
CA ASP A 52 -14.53 0.79 -10.22
C ASP A 52 -15.74 1.70 -10.09
N PRO A 53 -15.53 3.00 -9.83
CA PRO A 53 -16.54 4.05 -9.66
C PRO A 53 -17.51 4.13 -10.81
N THR A 54 -17.09 3.56 -11.93
CA THR A 54 -17.82 3.64 -13.17
C THR A 54 -18.92 2.60 -13.10
N ASP A 55 -18.61 1.36 -13.39
CA ASP A 55 -19.62 0.32 -13.33
C ASP A 55 -19.80 -0.33 -11.95
N SER A 56 -19.31 0.34 -10.89
CA SER A 56 -19.47 -0.10 -9.49
C SER A 56 -19.15 -1.58 -9.24
N TYR A 57 -18.15 -2.07 -9.96
CA TYR A 57 -17.62 -3.41 -9.71
C TYR A 57 -16.62 -3.39 -8.55
N ILE A 58 -16.69 -4.39 -7.67
CA ILE A 58 -15.93 -4.39 -6.41
C ILE A 58 -15.26 -5.72 -6.08
N ASN A 59 -13.95 -5.72 -5.80
CA ASN A 59 -13.27 -6.88 -5.22
C ASN A 59 -12.87 -6.67 -3.75
N TYR A 60 -13.29 -7.53 -2.82
CA TYR A 60 -12.78 -7.46 -1.43
C TYR A 60 -11.64 -8.45 -1.17
N SER A 61 -10.71 -8.08 -0.30
CA SER A 61 -9.65 -8.99 0.16
C SER A 61 -10.28 -10.14 0.90
N PRO A 62 -9.64 -11.33 0.87
CA PRO A 62 -10.14 -12.48 1.63
C PRO A 62 -10.05 -12.26 3.13
N SER A 63 -9.51 -11.12 3.54
CA SER A 63 -9.35 -10.79 4.95
C SER A 63 -10.41 -9.83 5.42
N PHE A 64 -11.25 -9.32 4.51
CA PHE A 64 -12.14 -8.22 4.86
C PHE A 64 -13.54 -8.31 4.25
N GLN A 65 -13.78 -9.30 3.38
CA GLN A 65 -15.07 -9.42 2.64
C GLN A 65 -16.30 -9.16 3.53
N GLY A 66 -16.27 -9.71 4.74
CA GLY A 66 -17.39 -9.62 5.64
C GLY A 66 -17.44 -8.38 6.53
N HIS A 67 -16.30 -8.04 7.14
CA HIS A 67 -16.18 -6.91 8.06
C HIS A 67 -16.73 -5.58 7.49
N VAL A 68 -16.32 -5.23 6.25
CA VAL A 68 -16.48 -3.87 5.70
C VAL A 68 -17.25 -3.80 4.37
N THR A 69 -17.59 -2.60 3.93
CA THR A 69 -18.33 -2.43 2.70
C THR A 69 -17.92 -1.20 1.92
N ILE A 70 -17.30 -1.46 0.77
CA ILE A 70 -16.90 -0.42 -0.16
C ILE A 70 -18.08 -0.10 -1.05
N SER A 71 -18.23 1.17 -1.39
CA SER A 71 -19.41 1.59 -2.12
C SER A 71 -19.11 2.88 -2.85
N VAL A 72 -19.96 3.26 -3.80
CA VAL A 72 -19.71 4.42 -4.64
C VAL A 72 -21.02 5.15 -4.91
N ASP A 73 -21.03 6.46 -4.79
CA ASP A 73 -22.21 7.16 -5.27
C ASP A 73 -21.81 7.92 -6.51
N ARG A 74 -22.00 7.30 -7.68
CA ARG A 74 -21.38 7.81 -8.90
C ARG A 74 -21.87 9.23 -9.19
N SER A 75 -23.08 9.53 -8.71
CA SER A 75 -23.64 10.89 -8.68
C SER A 75 -22.57 11.97 -8.35
N ILE A 76 -22.18 12.05 -7.07
CA ILE A 76 -21.18 13.01 -6.58
C ILE A 76 -19.72 12.57 -6.78
N SER A 77 -19.53 11.40 -7.39
CA SER A 77 -18.19 10.84 -7.64
C SER A 77 -17.34 10.71 -6.38
N THR A 78 -17.84 9.91 -5.43
CA THR A 78 -17.16 9.68 -4.17
C THR A 78 -17.28 8.22 -3.77
N VAL A 79 -16.22 7.69 -3.18
CA VAL A 79 -16.19 6.31 -2.74
C VAL A 79 -16.24 6.27 -1.19
N TYR A 80 -16.95 5.29 -0.65
CA TYR A 80 -17.14 5.15 0.80
C TYR A 80 -16.59 3.84 1.31
N LEU A 81 -15.92 3.90 2.46
CA LEU A 81 -15.67 2.69 3.23
C LEU A 81 -16.67 2.70 4.39
N GLN A 82 -17.27 1.54 4.68
CA GLN A 82 -18.28 1.47 5.72
C GLN A 82 -18.10 0.27 6.62
N TRP A 83 -18.33 0.46 7.93
CA TRP A 83 -18.46 -0.66 8.87
C TRP A 83 -19.84 -0.63 9.51
N SER A 84 -20.31 -1.80 9.97
CA SER A 84 -21.55 -1.89 10.75
C SER A 84 -21.29 -1.79 12.25
N SER A 85 -20.36 -2.58 12.77
CA SER A 85 -20.05 -2.50 14.17
C SER A 85 -18.53 -2.48 14.38
N LEU A 86 -17.99 -1.28 14.51
CA LEU A 86 -16.55 -1.03 14.69
C LEU A 86 -15.92 -1.86 15.81
N LYS A 87 -14.60 -1.89 15.88
CA LYS A 87 -13.91 -2.60 16.96
C LYS A 87 -12.50 -2.10 17.20
N ALA A 88 -12.12 -1.97 18.47
CA ALA A 88 -10.79 -1.53 18.91
C ALA A 88 -9.65 -1.98 18.00
N SER A 89 -9.86 -3.10 17.34
CA SER A 89 -8.94 -3.63 16.32
C SER A 89 -8.86 -2.71 15.11
N ASP A 90 -10.02 -2.19 14.70
CA ASP A 90 -10.14 -1.31 13.53
C ASP A 90 -9.40 0.03 13.66
N THR A 91 -8.60 0.20 14.70
CA THR A 91 -7.94 1.49 14.89
C THR A 91 -6.72 1.63 13.98
N ALA A 92 -6.80 2.57 13.04
CA ALA A 92 -5.76 2.68 12.04
C ALA A 92 -5.80 3.93 11.18
N MET A 93 -4.77 4.09 10.37
CA MET A 93 -4.79 5.04 9.29
C MET A 93 -5.45 4.38 8.09
N TYR A 94 -6.37 5.08 7.45
CA TYR A 94 -7.02 4.54 6.27
C TYR A 94 -6.76 5.43 5.06
N TYR A 95 -6.08 4.87 4.07
CA TYR A 95 -5.84 5.53 2.80
C TYR A 95 -6.73 4.99 1.72
N CYS A 96 -7.13 5.85 0.81
CA CYS A 96 -7.56 5.36 -0.49
C CYS A 96 -6.45 5.62 -1.51
N ALA A 97 -6.41 4.75 -2.53
CA ALA A 97 -5.37 4.83 -3.55
C ALA A 97 -5.85 4.49 -4.96
N TYR A 98 -5.34 5.26 -5.92
CA TYR A 98 -5.67 5.16 -7.34
C TYR A 98 -4.72 4.26 -8.14
N HIS A 99 -5.25 3.33 -8.94
CA HIS A 99 -4.39 2.62 -9.89
C HIS A 99 -5.17 2.20 -11.12
N ARG A 100 -4.49 1.73 -12.16
CA ARG A 100 -5.21 1.51 -13.42
C ARG A 100 -5.88 0.14 -13.40
N ARG A 101 -7.07 0.07 -13.96
CA ARG A 101 -7.77 -1.20 -14.01
C ARG A 101 -7.41 -1.98 -15.24
N GLY A 102 -6.63 -3.04 -15.06
CA GLY A 102 -6.45 -4.00 -16.12
C GLY A 102 -5.55 -3.59 -17.26
N HIS A 103 -4.83 -2.48 -17.13
CA HIS A 103 -3.86 -2.06 -18.12
CA HIS A 103 -3.85 -2.08 -18.13
C HIS A 103 -2.62 -2.96 -18.03
N PHE A 104 -2.06 -3.31 -19.18
CA PHE A 104 -0.84 -4.10 -19.31
C PHE A 104 0.06 -3.39 -20.31
N TYR A 105 1.26 -3.92 -20.50
CA TYR A 105 2.22 -3.32 -21.40
C TYR A 105 3.44 -4.22 -21.55
N GLY A 106 4.49 -3.68 -22.17
CA GLY A 106 5.67 -4.44 -22.50
C GLY A 106 5.40 -5.87 -22.95
N SER A 107 5.89 -6.81 -22.16
CA SER A 107 5.74 -8.24 -22.44
C SER A 107 4.89 -8.92 -21.38
N GLY A 108 3.69 -8.38 -21.12
CA GLY A 108 2.77 -9.04 -20.20
C GLY A 108 2.78 -8.51 -18.77
N SER A 109 3.73 -7.65 -18.43
CA SER A 109 3.74 -7.06 -17.10
C SER A 109 2.55 -6.14 -16.90
N ALA A 110 2.23 -5.87 -15.64
CA ALA A 110 1.01 -5.13 -15.29
C ALA A 110 1.26 -3.68 -14.92
N TRP A 111 0.25 -2.86 -15.15
CA TRP A 111 0.28 -1.45 -14.85
C TRP A 111 -0.73 -1.32 -13.74
N ASP A 112 -0.28 -1.67 -12.53
CA ASP A 112 -1.18 -1.85 -11.41
C ASP A 112 -0.55 -1.43 -10.08
N TRP A 113 0.46 -0.57 -10.14
CA TRP A 113 1.04 0.03 -8.95
C TRP A 113 0.20 1.23 -8.53
N PHE A 114 0.22 1.55 -7.26
CA PHE A 114 -0.55 2.69 -6.75
C PHE A 114 0.09 3.98 -7.18
N GLU A 115 -0.63 4.73 -7.99
CA GLU A 115 -0.09 5.96 -8.55
C GLU A 115 -0.28 7.20 -7.66
N SER A 116 -1.40 7.25 -6.95
CA SER A 116 -1.78 8.45 -6.22
C SER A 116 -2.45 8.04 -4.90
N TRP A 117 -2.19 8.77 -3.82
CA TRP A 117 -2.73 8.42 -2.52
C TRP A 117 -3.56 9.55 -1.94
N GLY A 118 -4.39 9.24 -0.96
CA GLY A 118 -5.07 10.28 -0.19
C GLY A 118 -4.21 10.60 1.02
N GLN A 119 -4.58 11.63 1.78
CA GLN A 119 -3.71 12.13 2.83
C GLN A 119 -3.77 11.23 4.07
N GLY A 120 -4.92 10.60 4.25
CA GLY A 120 -5.11 9.66 5.33
C GLY A 120 -6.34 10.04 6.11
N THR A 121 -6.98 9.04 6.67
CA THR A 121 -8.06 9.28 7.61
C THR A 121 -7.82 8.44 8.83
N LEU A 122 -7.57 9.10 9.95
CA LEU A 122 -7.29 8.39 11.17
C LEU A 122 -8.59 7.98 11.85
N VAL A 123 -8.69 6.70 12.17
CA VAL A 123 -9.85 6.19 12.82
C VAL A 123 -9.40 5.56 14.12
N THR A 124 -10.09 5.96 15.20
CA THR A 124 -9.74 5.53 16.54
C THR A 124 -11.00 4.96 17.21
N VAL A 125 -10.84 3.85 17.94
CA VAL A 125 -11.92 3.15 18.66
C VAL A 125 -11.32 2.71 20.00
N SER A 126 -11.84 3.11 21.16
CA SER A 126 -11.05 2.86 22.38
C SER A 126 -11.66 1.77 23.34
N SER A 127 -12.82 1.99 23.95
CA SER A 127 -13.46 3.29 23.97
C SER A 127 -13.83 3.71 25.38
N ALA A 128 -12.99 4.62 25.83
CA ALA A 128 -13.25 5.49 26.91
C ALA A 128 -14.14 6.61 26.38
N SER A 129 -14.12 7.73 27.06
CA SER A 129 -14.86 8.88 26.63
C SER A 129 -13.94 10.09 26.64
N THR A 130 -14.35 11.17 25.98
CA THR A 130 -13.62 12.42 26.09
C THR A 130 -13.35 12.77 27.55
N LYS A 131 -12.07 13.01 27.82
CA LYS A 131 -11.56 13.44 29.11
C LYS A 131 -10.41 14.41 28.89
N GLY A 132 -10.57 15.65 29.33
CA GLY A 132 -9.51 16.65 29.27
C GLY A 132 -8.33 16.33 30.18
N PRO A 133 -7.12 16.78 29.79
CA PRO A 133 -5.90 16.47 30.53
C PRO A 133 -5.72 17.29 31.81
N SER A 134 -4.82 16.82 32.66
CA SER A 134 -4.33 17.52 33.85
C SER A 134 -2.92 18.02 33.54
N VAL A 135 -2.54 19.20 34.01
CA VAL A 135 -1.26 19.72 33.55
C VAL A 135 -0.35 20.08 34.69
N PHE A 136 0.67 19.26 34.90
CA PHE A 136 1.54 19.39 36.07
C PHE A 136 2.92 19.94 35.79
N PRO A 137 3.41 20.80 36.69
CA PRO A 137 4.77 21.25 36.46
C PRO A 137 5.81 20.15 36.69
N LEU A 138 6.83 20.22 35.87
CA LEU A 138 8.04 19.48 36.09
C LEU A 138 9.09 20.53 36.41
N ALA A 139 9.32 20.73 37.71
CA ALA A 139 10.15 21.84 38.17
C ALA A 139 11.61 21.47 38.16
N PRO A 140 12.46 22.43 37.77
CA PRO A 140 13.92 22.25 37.74
C PRO A 140 14.50 22.00 39.15
N THR A 149 23.03 24.59 32.34
CA THR A 149 22.09 23.87 31.47
C THR A 149 20.98 23.14 32.24
N ALA A 150 19.87 23.86 32.45
CA ALA A 150 18.73 23.39 33.25
C ALA A 150 17.58 22.81 32.42
N ALA A 151 16.84 21.86 33.02
CA ALA A 151 15.74 21.15 32.34
C ALA A 151 14.41 21.27 33.08
N LEU A 152 13.37 21.63 32.35
CA LEU A 152 12.05 21.70 32.95
C LEU A 152 10.98 21.24 31.99
N GLY A 153 9.86 20.81 32.53
CA GLY A 153 8.82 20.33 31.66
C GLY A 153 7.42 20.60 32.19
N CYS A 154 6.41 20.29 31.38
CA CYS A 154 5.09 20.06 31.95
C CYS A 154 4.58 18.69 31.47
N LEU A 155 3.85 18.05 32.37
CA LEU A 155 3.38 16.69 32.16
C LEU A 155 1.86 16.70 31.97
N VAL A 156 1.42 16.21 30.82
CA VAL A 156 0.02 16.27 30.40
C VAL A 156 -0.66 14.92 30.59
N LYS A 157 -1.37 14.76 31.70
CA LYS A 157 -1.82 13.42 32.07
C LYS A 157 -3.32 13.17 31.90
N ASP A 158 -3.61 11.95 31.44
CA ASP A 158 -4.95 11.34 31.44
C ASP A 158 -5.93 12.04 30.53
N TYR A 159 -5.73 11.90 29.22
CA TYR A 159 -6.67 12.52 28.30
C TYR A 159 -7.13 11.60 27.19
N PHE A 160 -8.14 12.08 26.47
CA PHE A 160 -8.73 11.35 25.36
C PHE A 160 -9.72 12.21 24.58
N PRO A 161 -9.66 12.13 23.24
CA PRO A 161 -8.70 11.32 22.50
C PRO A 161 -7.46 12.12 22.17
N GLU A 162 -6.49 11.51 21.51
CA GLU A 162 -5.41 12.26 20.88
C GLU A 162 -5.94 13.35 19.94
N PRO A 163 -5.15 14.39 19.68
CA PRO A 163 -3.86 14.74 20.28
C PRO A 163 -3.95 15.97 21.19
N VAL A 164 -2.86 16.30 21.88
CA VAL A 164 -2.77 17.61 22.50
C VAL A 164 -1.67 18.36 21.77
N THR A 165 -1.67 19.70 21.89
CA THR A 165 -0.55 20.48 21.37
C THR A 165 0.06 21.34 22.48
N VAL A 166 1.37 21.23 22.64
CA VAL A 166 2.07 21.92 23.69
C VAL A 166 3.01 22.92 23.09
N SER A 167 2.89 24.17 23.51
CA SER A 167 3.89 25.15 23.13
C SER A 167 4.47 25.74 24.39
N TRP A 168 5.49 26.56 24.21
CA TRP A 168 6.12 27.22 25.35
C TRP A 168 6.24 28.69 25.07
N ASN A 169 5.83 29.48 26.04
CA ASN A 169 5.81 30.92 25.90
C ASN A 169 5.16 31.32 24.59
N SER A 170 4.02 30.69 24.34
CA SER A 170 3.17 31.03 23.21
C SER A 170 3.84 30.79 21.84
N GLY A 171 5.01 30.14 21.86
CA GLY A 171 5.67 29.74 20.63
C GLY A 171 6.88 30.58 20.33
N ALA A 172 7.24 31.44 21.29
CA ALA A 172 8.42 32.29 21.15
C ALA A 172 9.65 31.50 21.61
N LEU A 173 9.38 30.33 22.18
CA LEU A 173 10.40 29.41 22.64
C LEU A 173 10.22 28.06 21.92
N THR A 174 11.18 27.71 21.06
CA THR A 174 11.13 26.47 20.30
C THR A 174 12.49 25.75 20.34
N SER A 175 13.51 26.45 20.85
CA SER A 175 14.85 25.88 20.87
C SER A 175 15.09 24.95 22.07
N GLY A 176 15.25 23.66 21.79
CA GLY A 176 15.58 22.71 22.83
C GLY A 176 14.36 22.05 23.41
N VAL A 177 13.24 22.12 22.68
CA VAL A 177 11.99 21.54 23.15
C VAL A 177 11.79 20.13 22.61
N HIS A 178 11.27 19.26 23.47
CA HIS A 178 10.96 17.90 23.11
C HIS A 178 9.60 17.58 23.64
N THR A 179 8.65 17.31 22.74
CA THR A 179 7.37 16.83 23.17
C THR A 179 7.30 15.37 22.82
N PHE A 180 7.31 14.50 23.82
CA PHE A 180 7.34 13.08 23.57
C PHE A 180 6.00 12.57 23.08
N PRO A 181 6.04 11.50 22.24
CA PRO A 181 4.80 10.83 21.83
C PRO A 181 4.00 10.42 23.06
N ALA A 182 2.68 10.48 22.97
CA ALA A 182 1.86 10.04 24.08
C ALA A 182 2.01 8.52 24.24
N VAL A 183 1.73 8.00 25.43
CA VAL A 183 1.67 6.57 25.68
C VAL A 183 0.30 6.19 26.23
N LEU A 184 -0.23 5.08 25.73
CA LEU A 184 -1.46 4.52 26.25
C LEU A 184 -1.20 3.90 27.61
N GLN A 185 -2.12 4.15 28.52
CA GLN A 185 -2.02 3.60 29.84
C GLN A 185 -3.03 2.48 29.99
N SER A 186 -2.94 1.78 31.12
CA SER A 186 -3.93 0.78 31.52
C SER A 186 -5.37 1.30 31.36
N SER A 187 -5.59 2.54 31.81
CA SER A 187 -6.92 3.16 31.78
C SER A 187 -7.47 3.45 30.38
N GLY A 188 -6.65 3.27 29.35
CA GLY A 188 -7.08 3.55 27.99
C GLY A 188 -7.00 5.04 27.71
N LEU A 189 -6.17 5.70 28.53
CA LEU A 189 -5.99 7.13 28.48
C LEU A 189 -4.55 7.46 28.20
N TYR A 190 -4.31 8.64 27.64
CA TYR A 190 -2.99 9.00 27.19
C TYR A 190 -2.27 9.91 28.18
N SER A 191 -0.97 9.71 28.30
CA SER A 191 -0.11 10.62 29.04
C SER A 191 0.98 11.11 28.13
N LEU A 192 1.40 12.36 28.34
CA LEU A 192 2.40 12.96 27.48
C LEU A 192 3.33 13.82 28.32
N SER A 193 4.55 14.03 27.84
CA SER A 193 5.53 14.86 28.54
C SER A 193 6.12 15.87 27.58
N SER A 194 6.22 17.12 27.99
CA SER A 194 6.90 18.09 27.14
C SER A 194 7.98 18.75 27.94
N VAL A 195 9.21 18.67 27.47
CA VAL A 195 10.28 19.28 28.22
C VAL A 195 11.08 20.25 27.38
N VAL A 196 11.90 21.04 28.04
CA VAL A 196 12.74 22.04 27.41
C VAL A 196 14.01 22.29 28.26
N THR A 197 15.14 22.57 27.61
CA THR A 197 16.37 22.94 28.29
C THR A 197 16.74 24.41 28.00
N VAL A 198 17.14 25.12 29.05
CA VAL A 198 17.59 26.51 28.90
C VAL A 198 18.82 26.73 29.76
N PRO A 199 19.58 27.83 29.53
CA PRO A 199 20.78 27.99 30.37
C PRO A 199 20.36 28.04 31.83
N SER A 200 21.15 27.42 32.71
CA SER A 200 20.82 27.39 34.11
C SER A 200 20.65 28.84 34.58
N SER A 201 21.59 29.67 34.15
CA SER A 201 21.65 31.07 34.58
C SER A 201 20.45 31.93 34.16
N SER A 202 19.27 31.32 33.95
CA SER A 202 18.16 32.06 33.32
C SER A 202 16.85 31.86 34.05
N LEU A 203 16.83 30.88 34.94
CA LEU A 203 15.73 30.70 35.86
C LEU A 203 15.56 31.98 36.70
N GLY A 204 14.46 32.10 37.46
CA GLY A 204 14.21 33.27 38.29
C GLY A 204 13.94 34.56 37.50
N THR A 205 14.83 34.86 36.55
CA THR A 205 14.64 35.94 35.59
C THR A 205 13.43 35.64 34.69
N GLN A 206 13.68 34.80 33.68
CA GLN A 206 12.71 34.47 32.63
C GLN A 206 11.51 33.64 33.10
N THR A 207 10.34 33.95 32.54
CA THR A 207 9.10 33.22 32.84
C THR A 207 8.93 32.04 31.86
N TYR A 208 8.63 30.85 32.39
CA TYR A 208 8.38 29.70 31.49
C TYR A 208 6.97 29.18 31.67
N ILE A 209 6.21 29.25 30.57
CA ILE A 209 4.81 28.83 30.59
C ILE A 209 4.55 27.81 29.50
N CYS A 210 4.02 26.63 29.86
CA CYS A 210 3.58 25.69 28.82
C CYS A 210 2.10 25.87 28.51
N ASN A 211 1.82 26.10 27.23
CA ASN A 211 0.46 26.24 26.77
C ASN A 211 -0.01 24.91 26.23
N VAL A 212 -1.10 24.41 26.78
CA VAL A 212 -1.59 23.08 26.41
C VAL A 212 -3.00 23.12 25.79
N ASN A 213 -3.15 22.55 24.60
CA ASN A 213 -4.45 22.52 23.93
C ASN A 213 -4.97 21.13 23.62
N HIS A 214 -6.22 20.92 23.97
CA HIS A 214 -6.92 19.69 23.70
C HIS A 214 -8.32 20.08 23.31
N LYS A 215 -8.50 20.37 22.04
CA LYS A 215 -9.78 20.84 21.51
C LYS A 215 -10.99 19.92 21.78
N PRO A 216 -10.85 18.59 21.61
CA PRO A 216 -12.05 17.75 21.81
C PRO A 216 -12.71 17.89 23.18
N SER A 217 -11.96 18.31 24.20
CA SER A 217 -12.55 18.56 25.51
C SER A 217 -12.46 20.03 25.89
N ASN A 218 -12.19 20.87 24.90
CA ASN A 218 -12.08 22.31 25.10
C ASN A 218 -11.13 22.67 26.21
N THR A 219 -10.06 21.90 26.35
CA THR A 219 -9.05 22.25 27.33
C THR A 219 -8.01 23.20 26.75
N LYS A 220 -7.90 24.36 27.38
CA LYS A 220 -6.91 25.36 27.01
C LYS A 220 -6.24 25.84 28.29
N VAL A 221 -5.05 25.32 28.59
CA VAL A 221 -4.41 25.54 29.90
C VAL A 221 -2.98 26.13 29.83
N ASP A 222 -2.70 27.15 30.63
CA ASP A 222 -1.34 27.70 30.75
C ASP A 222 -0.75 27.38 32.12
N LYS A 223 0.41 26.73 32.15
CA LYS A 223 0.99 26.46 33.45
C LYS A 223 2.32 27.15 33.57
N LYS A 224 2.47 27.89 34.66
CA LYS A 224 3.74 28.48 35.01
C LYS A 224 4.59 27.35 35.53
N VAL A 225 5.80 27.21 35.02
CA VAL A 225 6.61 26.13 35.55
C VAL A 225 7.60 26.64 36.58
N GLU A 226 7.31 26.23 37.80
CA GLU A 226 7.94 26.67 39.03
C GLU A 226 9.45 26.45 39.13
N SER A 227 9.95 26.47 40.37
CA SER A 227 11.36 26.26 40.71
C SER A 227 11.51 25.87 42.19
N ALA A 228 12.45 26.55 42.85
CA ALA A 228 12.74 26.37 44.28
C ALA A 228 11.51 26.66 45.16
N ILE B 2 0.10 -14.31 -0.92
CA ILE B 2 1.53 -14.16 -1.22
C ILE B 2 2.20 -13.45 -0.05
N VAL B 3 3.47 -13.74 0.17
CA VAL B 3 4.16 -13.13 1.27
C VAL B 3 5.44 -12.42 0.82
N LEU B 4 5.54 -11.14 1.15
CA LEU B 4 6.78 -10.43 0.95
C LEU B 4 7.48 -10.26 2.28
N THR B 5 8.73 -10.69 2.33
CA THR B 5 9.53 -10.56 3.54
C THR B 5 10.65 -9.58 3.27
N GLN B 6 10.63 -8.47 3.99
CA GLN B 6 11.61 -7.41 3.77
C GLN B 6 12.76 -7.58 4.76
N SER B 7 13.90 -6.97 4.47
CA SER B 7 15.11 -7.26 5.22
C SER B 7 16.27 -6.30 4.94
N PRO B 8 16.72 -5.59 5.99
CA PRO B 8 16.31 -5.78 7.39
C PRO B 8 15.15 -4.89 7.77
N LEU B 9 14.81 -4.85 9.06
CA LEU B 9 13.72 -4.03 9.51
C LEU B 9 14.25 -2.65 9.94
N THR B 10 15.47 -2.65 10.46
CA THR B 10 16.12 -1.43 10.87
C THR B 10 17.53 -1.47 10.32
N LEU B 11 18.05 -0.31 9.94
CA LEU B 11 19.33 -0.23 9.27
C LEU B 11 19.95 1.13 9.52
N SER B 12 21.05 1.16 10.25
CA SER B 12 21.70 2.43 10.56
C SER B 12 22.83 2.71 9.56
N VAL B 13 22.78 3.86 8.89
CA VAL B 13 23.74 4.18 7.84
C VAL B 13 24.17 5.64 7.82
N SER B 14 25.48 5.89 7.82
CA SER B 14 26.04 7.24 7.71
C SER B 14 25.46 7.98 6.52
N PRO B 15 25.25 9.30 6.64
CA PRO B 15 25.03 10.15 5.46
C PRO B 15 26.25 10.21 4.53
N GLY B 16 26.04 9.92 3.24
CA GLY B 16 27.11 9.86 2.27
C GLY B 16 27.23 8.47 1.65
N GLU B 17 26.98 7.45 2.47
CA GLU B 17 27.18 6.07 2.07
C GLU B 17 26.08 5.46 1.22
N ARG B 18 25.92 4.15 1.39
CA ARG B 18 25.08 3.31 0.54
C ARG B 18 24.25 2.29 1.34
N ALA B 19 22.96 2.21 1.02
CA ALA B 19 22.04 1.31 1.70
C ALA B 19 21.46 0.29 0.72
N THR B 20 21.26 -0.94 1.19
CA THR B 20 20.76 -2.03 0.34
C THR B 20 19.59 -2.76 0.98
N LEU B 21 18.38 -2.38 0.58
CA LEU B 21 17.17 -2.96 1.13
C LEU B 21 16.78 -4.22 0.38
N SER B 22 16.36 -5.26 1.08
CA SER B 22 15.92 -6.47 0.38
C SER B 22 14.45 -6.76 0.60
N CYS B 23 13.86 -7.40 -0.39
CA CYS B 23 12.51 -7.92 -0.27
C CYS B 23 12.45 -9.26 -1.01
N ARG B 24 11.89 -10.29 -0.37
CA ARG B 24 11.83 -11.61 -0.97
C ARG B 24 10.40 -12.15 -1.06
N ALA B 25 10.05 -12.68 -2.22
CA ALA B 25 8.69 -13.18 -2.44
C ALA B 25 8.58 -14.67 -2.17
N SER B 26 7.43 -15.09 -1.65
CA SER B 26 7.20 -16.50 -1.39
C SER B 26 6.96 -17.24 -2.73
N GLN B 27 6.22 -16.58 -3.62
CA GLN B 27 5.92 -17.10 -4.94
C GLN B 27 6.61 -16.27 -6.00
N SER B 28 6.12 -16.41 -7.23
CA SER B 28 6.59 -15.56 -8.29
C SER B 28 5.57 -14.46 -8.51
N VAL B 29 6.13 -13.26 -8.62
CA VAL B 29 5.38 -12.06 -8.87
C VAL B 29 5.89 -11.56 -10.23
N SER B 30 6.96 -12.20 -10.68
CA SER B 30 7.56 -11.94 -11.98
C SER B 30 7.71 -10.48 -12.29
N SER B 31 8.45 -9.75 -11.45
CA SER B 31 8.78 -8.36 -11.73
C SER B 31 7.62 -7.34 -11.54
N ASN B 32 6.42 -7.81 -11.19
CA ASN B 32 5.34 -6.87 -10.91
C ASN B 32 5.42 -6.39 -9.45
N LEU B 33 6.40 -5.53 -9.20
CA LEU B 33 6.68 -5.14 -7.85
C LEU B 33 7.11 -3.69 -7.78
N ALA B 34 6.69 -3.00 -6.73
CA ALA B 34 7.03 -1.61 -6.54
C ALA B 34 7.68 -1.31 -5.19
N TRP B 35 8.34 -0.17 -5.10
CA TRP B 35 8.86 0.39 -3.85
C TRP B 35 8.30 1.77 -3.56
N TYR B 36 7.69 1.92 -2.38
CA TYR B 36 7.23 3.23 -1.88
C TYR B 36 8.06 3.65 -0.70
N GLN B 37 8.04 4.94 -0.47
CA GLN B 37 8.67 5.53 0.70
C GLN B 37 7.62 6.24 1.53
N GLN B 38 7.64 6.03 2.83
CA GLN B 38 6.71 6.74 3.70
C GLN B 38 7.42 7.52 4.78
N MET B 39 6.94 8.75 5.00
CA MET B 39 7.39 9.56 6.13
C MET B 39 6.20 9.82 7.05
N PRO B 40 6.45 9.84 8.37
CA PRO B 40 5.56 10.07 9.51
C PRO B 40 4.37 10.98 9.23
N GLY B 41 3.16 10.45 9.42
CA GLY B 41 1.95 11.21 9.17
C GLY B 41 1.52 11.19 7.73
N GLN B 42 2.47 10.94 6.81
CA GLN B 42 2.20 11.02 5.38
C GLN B 42 1.87 9.71 4.68
N ALA B 43 1.19 9.83 3.55
CA ALA B 43 1.00 8.69 2.66
C ALA B 43 2.33 8.23 2.09
N PRO B 44 2.36 7.03 1.49
CA PRO B 44 3.56 6.56 0.78
C PRO B 44 3.63 7.15 -0.62
N ARG B 45 4.83 7.38 -1.10
CA ARG B 45 4.97 7.84 -2.45
C ARG B 45 5.81 6.85 -3.20
N LEU B 46 5.31 6.47 -4.37
CA LEU B 46 5.98 5.58 -5.27
C LEU B 46 7.42 5.98 -5.55
N LEU B 47 8.32 5.01 -5.52
CA LEU B 47 9.69 5.22 -5.97
C LEU B 47 9.99 4.37 -7.19
N ILE B 48 9.72 3.07 -7.10
CA ILE B 48 10.08 2.15 -8.18
C ILE B 48 8.89 1.35 -8.63
N TYR B 49 8.66 1.22 -9.94
CA TYR B 49 7.67 0.24 -10.45
C TYR B 49 8.32 -0.71 -11.44
N GLY B 50 7.69 -1.85 -11.64
CA GLY B 50 8.26 -2.91 -12.46
C GLY B 50 9.63 -3.33 -11.99
N ALA B 51 9.86 -3.21 -10.69
CA ALA B 51 11.11 -3.59 -10.02
C ALA B 51 12.33 -2.76 -10.42
N SER B 52 12.31 -2.15 -11.61
CA SER B 52 13.53 -1.52 -12.12
C SER B 52 13.38 -0.06 -12.50
N THR B 53 12.19 0.32 -12.92
CA THR B 53 11.95 1.66 -13.42
C THR B 53 11.67 2.64 -12.30
N ARG B 54 12.36 3.78 -12.35
CA ARG B 54 12.14 4.87 -11.41
C ARG B 54 10.91 5.67 -11.80
N ALA B 55 10.21 6.20 -10.81
CA ALA B 55 9.11 7.10 -11.09
C ALA B 55 9.68 8.46 -11.45
N THR B 56 8.82 9.33 -11.96
CA THR B 56 9.23 10.69 -12.26
C THR B 56 9.57 11.41 -10.98
N GLY B 57 10.59 12.26 -11.06
CA GLY B 57 11.06 13.01 -9.91
C GLY B 57 12.19 12.28 -9.21
N ILE B 58 12.16 10.95 -9.26
CA ILE B 58 13.12 10.15 -8.50
C ILE B 58 14.51 10.22 -9.11
N PRO B 59 15.51 10.61 -8.31
CA PRO B 59 16.91 10.70 -8.76
C PRO B 59 17.48 9.36 -9.12
N ALA B 60 18.65 9.37 -9.74
CA ALA B 60 19.27 8.16 -10.27
C ALA B 60 19.95 7.32 -9.20
N ARG B 61 20.13 7.87 -7.99
CA ARG B 61 20.81 7.16 -6.90
C ARG B 61 19.90 6.14 -6.21
N LEU B 62 18.62 6.15 -6.55
CA LEU B 62 17.74 5.05 -6.19
C LEU B 62 17.72 4.06 -7.34
N SER B 63 18.13 2.83 -7.05
CA SER B 63 18.30 1.81 -8.06
C SER B 63 17.49 0.59 -7.65
N GLY B 64 17.04 -0.19 -8.62
CA GLY B 64 16.25 -1.37 -8.32
C GLY B 64 16.62 -2.52 -9.22
N SER B 65 16.82 -3.69 -8.63
CA SER B 65 17.11 -4.85 -9.48
C SER B 65 16.40 -6.09 -8.97
N ALA B 66 16.23 -7.04 -9.87
CA ALA B 66 15.54 -8.26 -9.51
C ALA B 66 16.28 -9.50 -9.97
N SER B 67 16.34 -10.48 -9.07
CA SER B 67 16.66 -11.82 -9.49
C SER B 67 15.43 -12.71 -9.21
N GLY B 68 14.53 -12.81 -10.19
CA GLY B 68 13.36 -13.67 -10.04
C GLY B 68 12.46 -13.39 -8.84
N THR B 69 13.00 -13.61 -7.63
CA THR B 69 12.21 -13.52 -6.40
C THR B 69 12.94 -12.68 -5.33
N GLU B 70 14.24 -12.43 -5.54
CA GLU B 70 15.07 -11.51 -4.75
C GLU B 70 15.04 -10.09 -5.34
N PHE B 71 14.26 -9.21 -4.71
CA PHE B 71 14.20 -7.84 -5.19
C PHE B 71 15.08 -6.95 -4.31
N THR B 72 15.77 -6.01 -4.95
CA THR B 72 16.80 -5.22 -4.31
C THR B 72 16.61 -3.73 -4.56
N LEU B 73 16.40 -2.96 -3.49
CA LEU B 73 16.47 -1.50 -3.62
C LEU B 73 17.82 -1.03 -3.12
N THR B 74 18.37 -0.03 -3.79
CA THR B 74 19.67 0.45 -3.43
C THR B 74 19.66 1.97 -3.45
N ILE B 75 20.02 2.57 -2.35
CA ILE B 75 20.15 4.03 -2.30
C ILE B 75 21.62 4.35 -2.11
N SER B 76 22.20 5.16 -2.99
CA SER B 76 23.57 5.57 -2.75
C SER B 76 23.65 7.08 -2.52
N SER B 77 24.69 7.48 -1.78
CA SER B 77 24.91 8.86 -1.41
C SER B 77 23.70 9.37 -0.66
N LEU B 78 23.45 8.76 0.51
CA LEU B 78 22.32 9.16 1.35
C LEU B 78 22.31 10.65 1.65
N GLN B 79 21.30 11.37 1.19
CA GLN B 79 21.07 12.72 1.68
C GLN B 79 19.98 12.63 2.74
N SER B 80 19.79 13.68 3.55
CA SER B 80 18.87 13.56 4.69
C SER B 80 17.45 13.26 4.18
N GLU B 81 17.12 13.81 3.02
CA GLU B 81 15.85 13.61 2.33
C GLU B 81 15.44 12.14 2.17
N ASP B 82 16.39 11.23 2.40
CA ASP B 82 16.16 9.82 2.09
C ASP B 82 15.89 8.94 3.30
N PHE B 83 15.86 9.52 4.49
CA PHE B 83 15.72 8.71 5.70
C PHE B 83 14.25 8.63 6.10
N ALA B 84 13.68 7.43 5.93
CA ALA B 84 12.26 7.22 6.13
C ALA B 84 11.99 5.73 6.16
N VAL B 85 10.77 5.32 5.82
CA VAL B 85 10.48 3.90 5.76
C VAL B 85 10.27 3.47 4.29
N TYR B 86 10.70 2.26 3.98
CA TYR B 86 10.66 1.74 2.63
C TYR B 86 9.85 0.46 2.59
N TYR B 87 8.74 0.52 1.86
CA TYR B 87 7.93 -0.68 1.64
C TYR B 87 8.05 -1.19 0.20
N CYS B 88 7.98 -2.51 0.06
CA CYS B 88 7.78 -3.13 -1.22
C CYS B 88 6.34 -3.62 -1.32
N GLN B 89 5.82 -3.65 -2.54
CA GLN B 89 4.47 -4.14 -2.78
C GLN B 89 4.53 -4.98 -4.04
N GLN B 90 3.73 -6.05 -4.11
CA GLN B 90 3.58 -6.81 -5.34
C GLN B 90 2.21 -6.53 -5.92
N TYR B 91 2.16 -6.20 -7.20
CA TYR B 91 0.87 -6.04 -7.84
C TYR B 91 0.71 -7.10 -8.92
N ASN B 92 1.31 -8.28 -8.69
CA ASN B 92 1.19 -9.43 -9.60
C ASN B 92 -0.23 -10.05 -9.65
N ASN B 93 -0.86 -10.17 -8.48
CA ASN B 93 -2.33 -10.26 -8.40
C ASN B 93 -2.86 -9.99 -6.99
N TRP B 94 -4.16 -9.76 -6.92
CA TRP B 94 -4.84 -9.39 -5.69
C TRP B 94 -5.26 -10.61 -4.85
N PRO B 95 -5.25 -10.48 -3.52
CA PRO B 95 -4.96 -9.31 -2.69
C PRO B 95 -3.52 -8.80 -2.82
N TYR B 96 -3.36 -7.53 -3.19
CA TYR B 96 -2.04 -6.92 -3.21
C TYR B 96 -1.41 -7.07 -1.84
N THR B 97 -0.14 -7.41 -1.77
CA THR B 97 0.49 -7.50 -0.46
C THR B 97 1.75 -6.63 -0.38
N PHE B 98 2.08 -6.17 0.83
CA PHE B 98 3.25 -5.34 1.07
C PHE B 98 4.28 -6.06 1.95
N GLY B 99 5.42 -5.41 2.13
CA GLY B 99 6.40 -5.83 3.10
C GLY B 99 6.00 -5.37 4.50
N GLN B 100 6.89 -5.59 5.47
CA GLN B 100 6.66 -5.08 6.83
C GLN B 100 7.37 -3.75 7.11
N GLY B 101 8.31 -3.39 6.25
CA GLY B 101 8.96 -2.10 6.38
C GLY B 101 10.44 -2.26 6.65
N THR B 102 11.18 -1.20 6.38
CA THR B 102 12.59 -1.13 6.72
C THR B 102 12.85 0.31 7.09
N LYS B 103 13.15 0.59 8.36
CA LYS B 103 13.34 1.98 8.78
C LYS B 103 14.79 2.33 8.54
N LEU B 104 15.05 3.43 7.82
CA LEU B 104 16.42 3.81 7.50
C LEU B 104 16.91 4.95 8.43
N GLU B 105 17.70 4.59 9.42
CA GLU B 105 18.10 5.49 10.50
C GLU B 105 19.36 6.30 10.18
N ILE B 106 19.43 7.56 10.61
CA ILE B 106 20.66 8.33 10.41
C ILE B 106 21.73 7.85 11.38
N LYS B 107 22.97 7.70 10.90
CA LYS B 107 24.09 7.27 11.75
C LYS B 107 25.08 8.41 12.00
N ARG B 108 25.48 8.52 13.27
CA ARG B 108 26.36 9.54 13.78
C ARG B 108 27.32 8.92 14.82
N THR B 109 28.32 9.70 15.25
CA THR B 109 29.21 9.31 16.35
C THR B 109 28.42 9.15 17.65
N VAL B 110 28.84 8.21 18.51
CA VAL B 110 28.13 7.94 19.76
C VAL B 110 27.96 9.25 20.55
N ALA B 111 26.87 9.34 21.30
CA ALA B 111 26.56 10.51 22.11
C ALA B 111 25.89 10.00 23.36
N ALA B 112 26.35 10.52 24.49
CA ALA B 112 25.89 10.05 25.80
C ALA B 112 24.84 11.02 26.33
N PRO B 113 23.84 10.49 27.04
CA PRO B 113 22.64 11.24 27.40
C PRO B 113 22.83 12.21 28.56
N SER B 114 21.97 13.23 28.62
CA SER B 114 21.91 14.08 29.81
C SER B 114 20.77 13.57 30.72
N VAL B 115 21.05 13.27 31.98
CA VAL B 115 20.03 12.63 32.79
C VAL B 115 19.40 13.54 33.84
N PHE B 116 18.08 13.69 33.75
CA PHE B 116 17.29 14.52 34.66
C PHE B 116 16.24 13.72 35.40
N ILE B 117 15.92 14.09 36.63
CA ILE B 117 14.85 13.41 37.32
C ILE B 117 13.91 14.43 37.97
N PHE B 118 12.62 14.15 37.88
CA PHE B 118 11.57 15.06 38.32
C PHE B 118 10.66 14.42 39.33
N PRO B 119 10.52 15.10 40.47
CA PRO B 119 9.61 14.79 41.55
C PRO B 119 8.20 15.10 41.12
N PRO B 120 7.22 14.47 41.76
CA PRO B 120 5.82 14.77 41.50
C PRO B 120 5.54 16.17 42.01
N SER B 121 4.68 16.92 41.33
CA SER B 121 4.31 18.21 41.86
C SER B 121 3.38 17.97 43.05
N ASP B 122 3.37 18.92 43.97
CA ASP B 122 2.37 18.96 45.01
C ASP B 122 0.96 18.90 44.40
N GLU B 123 0.78 19.66 43.30
CA GLU B 123 -0.52 19.75 42.62
C GLU B 123 -1.06 18.39 42.23
N GLN B 124 -0.16 17.51 41.82
CA GLN B 124 -0.53 16.17 41.38
C GLN B 124 -0.85 15.27 42.57
N LEU B 125 -0.09 15.41 43.64
CA LEU B 125 -0.37 14.65 44.86
C LEU B 125 -1.74 14.95 45.42
N LYS B 126 -2.04 16.25 45.57
CA LYS B 126 -3.31 16.72 46.10
C LYS B 126 -4.48 15.96 45.49
N SER B 127 -4.37 15.59 44.21
CA SER B 127 -5.25 14.58 43.61
C SER B 127 -5.16 13.30 44.41
N GLY B 128 -4.25 12.42 43.99
CA GLY B 128 -4.00 11.18 44.69
C GLY B 128 -3.17 10.19 43.89
N THR B 129 -2.35 10.70 42.97
CA THR B 129 -1.47 9.86 42.17
C THR B 129 -0.09 10.54 42.03
N ALA B 130 0.98 9.75 41.87
CA ALA B 130 2.34 10.30 41.87
C ALA B 130 3.21 9.80 40.70
N SER B 131 3.70 10.76 39.92
CA SER B 131 4.48 10.48 38.75
C SER B 131 5.89 10.99 38.90
N VAL B 132 6.85 10.08 38.81
CA VAL B 132 8.25 10.48 38.84
C VAL B 132 8.81 10.32 37.44
N VAL B 133 9.57 11.30 37.00
CA VAL B 133 9.95 11.32 35.61
C VAL B 133 11.43 11.39 35.41
N CYS B 134 11.93 10.45 34.62
CA CYS B 134 13.32 10.39 34.25
C CYS B 134 13.48 10.85 32.80
N LEU B 135 14.27 11.89 32.56
CA LEU B 135 14.50 12.39 31.21
C LEU B 135 15.92 12.14 30.75
N LEU B 136 16.07 11.50 29.59
CA LEU B 136 17.37 11.34 28.93
C LEU B 136 17.44 12.23 27.72
N ASN B 137 18.49 13.04 27.64
CA ASN B 137 18.50 14.06 26.61
C ASN B 137 19.63 13.95 25.56
N ASN B 138 19.22 14.11 24.30
CA ASN B 138 20.08 14.04 23.11
C ASN B 138 21.20 13.02 23.11
N PHE B 139 20.83 11.76 22.96
CA PHE B 139 21.82 10.70 22.90
C PHE B 139 21.79 9.89 21.59
N TYR B 140 22.74 8.96 21.45
CA TYR B 140 22.85 8.06 20.30
C TYR B 140 23.96 7.05 20.55
N PRO B 141 23.71 5.75 20.32
CA PRO B 141 22.51 5.15 19.72
C PRO B 141 21.32 5.06 20.67
N ARG B 142 20.19 4.60 20.13
CA ARG B 142 18.87 4.61 20.77
C ARG B 142 18.81 3.62 21.94
N GLU B 143 19.79 2.71 22.00
CA GLU B 143 19.76 1.69 23.01
C GLU B 143 20.27 2.27 24.30
N ALA B 144 19.39 2.36 25.27
CA ALA B 144 19.73 2.83 26.60
C ALA B 144 18.80 2.13 27.57
N LYS B 145 19.26 1.92 28.79
CA LYS B 145 18.47 1.17 29.75
C LYS B 145 18.16 1.96 30.99
N VAL B 146 16.89 2.33 31.12
CA VAL B 146 16.44 3.18 32.22
C VAL B 146 15.85 2.33 33.31
N GLN B 147 16.56 2.29 34.41
CA GLN B 147 16.19 1.42 35.52
C GLN B 147 15.70 2.24 36.73
N TRP B 148 14.50 1.96 37.20
CA TRP B 148 13.99 2.66 38.37
C TRP B 148 14.39 1.91 39.62
N LYS B 149 15.08 2.61 40.52
CA LYS B 149 15.38 2.09 41.85
C LYS B 149 14.67 2.98 42.90
N VAL B 150 13.90 2.32 43.78
CA VAL B 150 13.24 2.98 44.91
C VAL B 150 13.71 2.41 46.25
N ASP B 151 14.37 3.22 47.07
CA ASP B 151 15.03 2.72 48.28
C ASP B 151 15.94 1.55 47.92
N ASN B 152 16.78 1.76 46.90
CA ASN B 152 17.72 0.75 46.38
C ASN B 152 17.02 -0.45 45.70
N ALA B 153 15.76 -0.70 46.07
CA ALA B 153 14.96 -1.79 45.51
C ALA B 153 14.58 -1.56 44.03
N LEU B 154 15.22 -2.33 43.13
CA LEU B 154 14.91 -2.29 41.68
C LEU B 154 13.41 -2.44 41.40
N GLN B 155 12.85 -1.49 40.65
CA GLN B 155 11.41 -1.56 40.37
C GLN B 155 11.17 -2.25 39.05
N SER B 156 9.95 -2.72 38.85
CA SER B 156 9.68 -3.48 37.64
C SER B 156 8.19 -3.52 37.26
N GLY B 157 7.94 -3.34 35.98
CA GLY B 157 6.59 -3.48 35.45
C GLY B 157 5.60 -2.42 35.91
N ASN B 158 6.14 -1.24 36.23
CA ASN B 158 5.31 -0.13 36.70
C ASN B 158 5.81 1.22 36.18
N SER B 159 6.46 1.22 35.02
CA SER B 159 6.94 2.44 34.39
C SER B 159 6.58 2.41 32.91
N GLN B 160 6.77 3.53 32.23
CA GLN B 160 6.43 3.59 30.82
C GLN B 160 7.38 4.53 30.14
N GLU B 161 7.90 4.10 28.99
CA GLU B 161 8.88 4.91 28.29
C GLU B 161 8.29 5.57 27.05
N SER B 162 9.01 6.55 26.53
CA SER B 162 8.61 7.21 25.30
C SER B 162 9.81 7.87 24.65
N VAL B 163 10.02 7.64 23.36
CA VAL B 163 11.19 8.15 22.67
C VAL B 163 10.83 9.09 21.54
N THR B 164 11.59 10.17 21.37
CA THR B 164 11.39 11.02 20.20
C THR B 164 11.88 10.33 18.94
N GLU B 165 11.47 10.87 17.80
CA GLU B 165 11.96 10.39 16.52
C GLU B 165 13.37 10.97 16.43
N GLN B 166 14.26 10.29 15.71
CA GLN B 166 15.61 10.83 15.49
C GLN B 166 15.56 12.30 15.09
N ASP B 167 16.46 13.10 15.65
CA ASP B 167 16.45 14.55 15.48
C ASP B 167 16.92 15.01 14.08
N SER B 168 16.47 16.19 13.64
CA SER B 168 16.76 16.62 12.28
C SER B 168 18.05 17.43 12.19
N LYS B 169 18.47 17.95 13.34
CA LYS B 169 19.60 18.87 13.38
C LYS B 169 20.69 18.43 14.35
N ASP B 170 20.70 17.14 14.71
CA ASP B 170 21.90 16.52 15.31
C ASP B 170 21.75 15.02 15.33
N SER B 171 20.66 14.55 14.75
CA SER B 171 20.36 13.14 14.59
C SER B 171 20.38 12.37 15.91
N THR B 172 20.00 13.03 17.00
CA THR B 172 19.92 12.35 18.31
C THR B 172 18.50 11.95 18.68
N TYR B 173 18.40 11.28 19.83
CA TYR B 173 17.14 10.81 20.38
C TYR B 173 16.96 11.42 21.77
N SER B 174 15.73 11.53 22.24
CA SER B 174 15.48 11.84 23.64
C SER B 174 14.46 10.84 24.17
N LEU B 175 14.46 10.59 25.48
CA LEU B 175 13.52 9.62 26.03
C LEU B 175 13.01 10.08 27.40
N SER B 176 11.79 9.71 27.74
CA SER B 176 11.27 9.99 29.06
C SER B 176 10.55 8.78 29.63
N SER B 177 10.89 8.46 30.88
CA SER B 177 10.27 7.36 31.58
C SER B 177 9.44 7.88 32.74
N THR B 178 8.24 7.37 32.85
CA THR B 178 7.33 7.77 33.90
C THR B 178 7.11 6.59 34.83
N LEU B 179 7.59 6.75 36.07
CA LEU B 179 7.24 5.81 37.13
C LEU B 179 5.95 6.28 37.76
N THR B 180 4.90 5.48 37.63
CA THR B 180 3.62 5.89 38.18
C THR B 180 3.21 5.02 39.37
N LEU B 181 3.04 5.68 40.50
CA LEU B 181 2.60 5.06 41.74
C LEU B 181 1.36 5.76 42.23
N SER B 182 0.55 5.05 43.00
CA SER B 182 -0.54 5.68 43.76
C SER B 182 0.02 6.75 44.68
N LYS B 183 -0.80 7.69 45.18
CA LYS B 183 -0.25 8.68 46.12
C LYS B 183 0.23 7.95 47.37
N ALA B 184 -0.58 6.96 47.79
CA ALA B 184 -0.18 5.85 48.67
C ALA B 184 1.04 5.10 48.09
N ASP B 185 1.82 4.46 48.95
CA ASP B 185 2.99 3.71 48.44
C ASP B 185 4.12 4.65 47.99
N TYR B 186 3.92 5.96 48.05
CA TYR B 186 4.96 6.89 47.64
C TYR B 186 5.55 7.49 48.88
N GLU B 187 4.72 7.55 49.92
CA GLU B 187 5.12 8.11 51.21
C GLU B 187 5.90 7.11 51.99
N LYS B 188 5.60 5.83 51.78
CA LYS B 188 6.35 4.83 52.53
C LYS B 188 7.78 4.70 51.98
N HIS B 189 8.21 5.62 51.12
CA HIS B 189 9.56 5.52 50.56
C HIS B 189 10.30 6.85 50.49
N LYS B 190 11.63 6.80 50.65
CA LYS B 190 12.40 8.01 50.86
C LYS B 190 13.26 8.43 49.65
N VAL B 191 13.98 7.49 49.05
CA VAL B 191 14.83 7.81 47.90
C VAL B 191 14.20 7.36 46.60
N TYR B 192 14.22 8.22 45.60
CA TYR B 192 13.82 7.79 44.28
C TYR B 192 14.97 8.08 43.36
N ALA B 193 15.36 7.07 42.58
CA ALA B 193 16.48 7.21 41.67
C ALA B 193 16.19 6.55 40.36
N CYS B 194 16.61 7.17 39.26
CA CYS B 194 16.74 6.42 38.01
C CYS B 194 18.21 6.27 37.58
N GLU B 195 18.58 5.01 37.38
CA GLU B 195 19.90 4.64 36.91
C GLU B 195 19.86 4.37 35.39
N VAL B 196 20.70 5.07 34.67
CA VAL B 196 20.73 4.96 33.23
C VAL B 196 22.00 4.24 32.77
N THR B 197 21.85 3.22 31.92
CA THR B 197 22.99 2.56 31.31
C THR B 197 22.95 2.73 29.82
N HIS B 198 23.95 3.40 29.29
CA HIS B 198 23.98 3.64 27.87
C HIS B 198 25.38 3.39 27.34
N GLN B 199 25.50 3.28 26.03
CA GLN B 199 26.78 2.94 25.44
C GLN B 199 27.79 4.05 25.60
N GLY B 200 27.35 5.29 25.40
CA GLY B 200 28.25 6.43 25.47
C GLY B 200 28.61 6.85 26.87
N LEU B 201 28.16 6.08 27.85
CA LEU B 201 28.46 6.40 29.22
C LEU B 201 29.57 5.49 29.75
N SER B 202 30.56 6.11 30.38
CA SER B 202 31.62 5.46 31.14
C SER B 202 31.11 4.27 31.95
N SER B 203 30.28 4.58 32.93
CA SER B 203 29.63 3.61 33.80
C SER B 203 28.18 4.04 33.87
N PRO B 204 27.30 3.21 34.47
CA PRO B 204 25.92 3.70 34.61
C PRO B 204 25.86 5.03 35.38
N VAL B 205 24.77 5.78 35.23
CA VAL B 205 24.65 7.11 35.84
C VAL B 205 23.32 7.25 36.56
N THR B 206 23.35 7.59 37.83
CA THR B 206 22.11 7.65 38.60
C THR B 206 21.74 9.04 39.07
N LYS B 207 20.50 9.46 38.76
CA LYS B 207 20.00 10.71 39.35
C LYS B 207 18.94 10.34 40.38
N SER B 208 18.77 11.20 41.38
CA SER B 208 17.97 10.79 42.52
C SER B 208 17.58 11.97 43.37
N PHE B 209 16.64 11.71 44.26
CA PHE B 209 16.11 12.74 45.12
C PHE B 209 15.40 12.11 46.32
N ASN B 210 15.34 12.84 47.44
CA ASN B 210 14.62 12.41 48.64
C ASN B 210 13.42 13.34 48.86
N ARG B 211 12.30 12.84 49.36
CA ARG B 211 11.14 13.72 49.49
C ARG B 211 11.37 14.79 50.57
N GLY B 212 10.81 16.00 50.37
CA GLY B 212 11.00 17.11 51.30
C GLY B 212 12.43 17.60 51.35
N PRO C 8 12.07 -17.94 -47.46
CA PRO C 8 12.54 -19.33 -47.26
C PRO C 8 11.64 -20.08 -46.28
N LEU C 9 10.55 -19.40 -45.89
CA LEU C 9 9.67 -19.85 -44.80
C LEU C 9 8.56 -20.81 -45.28
N ILE C 10 8.48 -22.01 -44.65
CA ILE C 10 7.60 -23.11 -45.12
C ILE C 10 6.71 -23.82 -44.07
N LEU C 11 5.41 -23.89 -44.36
CA LEU C 11 4.41 -24.56 -43.51
C LEU C 11 4.28 -26.06 -43.77
N ARG C 12 3.21 -26.65 -43.24
CA ARG C 12 3.02 -28.10 -43.23
C ARG C 12 1.64 -28.42 -43.82
N ASP C 13 0.80 -28.94 -42.92
CA ASP C 13 -0.63 -29.09 -43.11
C ASP C 13 -1.31 -28.17 -42.07
N CYS C 14 -0.60 -27.12 -41.66
CA CYS C 14 -1.24 -25.92 -41.09
C CYS C 14 -1.41 -24.91 -42.22
N SER C 15 -2.51 -24.16 -42.16
CA SER C 15 -2.68 -22.92 -42.92
C SER C 15 -2.04 -21.76 -42.20
N VAL C 16 -1.93 -20.60 -42.86
CA VAL C 16 -1.46 -19.39 -42.19
C VAL C 16 -2.31 -19.06 -40.97
N ALA C 17 -3.64 -19.04 -41.13
CA ALA C 17 -4.53 -18.85 -40.01
C ALA C 17 -4.27 -19.80 -38.86
N GLY C 18 -4.43 -21.10 -39.13
CA GLY C 18 -4.24 -22.11 -38.10
C GLY C 18 -2.90 -21.88 -37.42
N TRP C 19 -1.93 -21.45 -38.24
CA TRP C 19 -0.60 -21.12 -37.76
C TRP C 19 -0.59 -20.00 -36.70
N LEU C 20 -0.97 -18.80 -37.10
CA LEU C 20 -0.92 -17.65 -36.20
C LEU C 20 -1.81 -17.83 -34.98
N LEU C 21 -3.01 -18.36 -35.14
CA LEU C 21 -3.85 -18.54 -33.97
C LEU C 21 -3.26 -19.60 -33.06
N GLY C 22 -2.41 -20.44 -33.65
CA GLY C 22 -1.78 -21.51 -32.91
C GLY C 22 -2.69 -22.71 -32.73
N ASN C 23 -3.09 -23.31 -33.86
CA ASN C 23 -3.73 -24.61 -33.84
C ASN C 23 -2.84 -25.56 -33.04
N PRO C 24 -3.46 -26.33 -32.12
CA PRO C 24 -2.73 -27.30 -31.30
C PRO C 24 -2.18 -28.48 -32.13
N MET C 25 -2.79 -28.82 -33.26
CA MET C 25 -2.17 -29.82 -34.10
C MET C 25 -1.06 -29.18 -34.96
N CYS C 26 -0.06 -28.59 -34.30
CA CYS C 26 1.09 -27.96 -34.96
C CYS C 26 2.26 -27.89 -33.98
N ILE C 38 4.85 -16.66 -48.65
CA ILE C 38 5.69 -17.79 -49.06
C ILE C 38 4.86 -19.14 -48.91
N VAL C 39 5.41 -20.24 -48.35
CA VAL C 39 4.87 -21.58 -48.71
C VAL C 39 3.86 -22.34 -47.80
N GLU C 40 2.62 -22.44 -48.30
CA GLU C 40 1.60 -23.33 -47.70
C GLU C 40 0.91 -24.16 -48.80
N LYS C 41 0.39 -25.35 -48.43
CA LYS C 41 -0.34 -26.17 -49.41
C LYS C 41 -1.77 -25.64 -49.59
N ALA C 42 -2.13 -25.43 -50.86
CA ALA C 42 -3.40 -24.83 -51.27
C ALA C 42 -4.67 -25.36 -50.55
N ASN C 43 -4.63 -26.57 -49.99
CA ASN C 43 -5.66 -26.96 -49.02
C ASN C 43 -5.11 -27.81 -47.86
N PRO C 44 -4.69 -27.16 -46.77
CA PRO C 44 -4.05 -27.83 -45.63
C PRO C 44 -5.02 -28.66 -44.80
N ALA C 45 -4.51 -29.74 -44.21
CA ALA C 45 -5.27 -30.49 -43.19
C ALA C 45 -5.72 -29.52 -42.09
N ASN C 46 -4.89 -29.32 -41.05
CA ASN C 46 -5.25 -28.45 -39.92
C ASN C 46 -5.42 -26.97 -40.29
N ASP C 47 -6.58 -26.41 -39.94
CA ASP C 47 -6.91 -25.03 -40.30
C ASP C 47 -7.48 -24.31 -39.08
N LEU C 48 -8.74 -23.92 -39.14
CA LEU C 48 -9.41 -23.41 -37.97
C LEU C 48 -10.13 -24.58 -37.29
N CYS C 49 -9.58 -25.08 -36.18
CA CYS C 49 -10.23 -26.12 -35.37
C CYS C 49 -11.72 -25.93 -35.30
N TYR C 50 -12.14 -24.96 -34.47
CA TYR C 50 -13.50 -24.48 -34.50
C TYR C 50 -13.66 -23.86 -35.89
N PRO C 51 -14.85 -24.02 -36.49
CA PRO C 51 -15.10 -23.48 -37.83
C PRO C 51 -15.52 -22.02 -37.75
N GLY C 52 -15.12 -21.23 -38.75
CA GLY C 52 -15.55 -19.85 -38.78
C GLY C 52 -14.87 -19.11 -39.89
N ASN C 53 -14.73 -17.80 -39.77
CA ASN C 53 -13.96 -17.05 -40.73
C ASN C 53 -12.88 -16.25 -40.06
N PHE C 54 -11.77 -16.20 -40.72
CA PHE C 54 -10.69 -15.34 -40.34
C PHE C 54 -10.84 -14.01 -41.08
N ASN C 55 -11.48 -13.03 -40.47
CA ASN C 55 -11.69 -11.73 -41.11
C ASN C 55 -10.39 -11.04 -41.60
N ASP C 56 -10.51 -10.36 -42.74
CA ASP C 56 -9.42 -9.69 -43.48
C ASP C 56 -8.24 -10.61 -43.85
N TYR C 57 -8.52 -11.87 -44.20
CA TYR C 57 -7.47 -12.90 -44.43
C TYR C 57 -6.40 -12.47 -45.40
N GLU C 58 -6.82 -12.24 -46.64
CA GLU C 58 -5.86 -12.06 -47.71
C GLU C 58 -5.05 -10.76 -47.52
N GLU C 59 -5.67 -9.66 -47.06
CA GLU C 59 -4.86 -8.48 -46.75
C GLU C 59 -3.75 -8.81 -45.74
N LEU C 60 -4.06 -9.62 -44.74
CA LEU C 60 -3.01 -10.06 -43.81
C LEU C 60 -1.91 -10.80 -44.58
N LYS C 61 -2.31 -11.77 -45.42
CA LYS C 61 -1.33 -12.53 -46.20
C LYS C 61 -0.39 -11.61 -46.99
N HIS C 62 -0.94 -10.56 -47.59
CA HIS C 62 -0.12 -9.60 -48.33
C HIS C 62 0.85 -8.91 -47.38
N LEU C 63 0.35 -8.60 -46.18
CA LEU C 63 1.20 -7.96 -45.19
C LEU C 63 2.36 -8.88 -44.75
N LEU C 64 2.19 -10.19 -44.90
CA LEU C 64 3.15 -11.14 -44.31
C LEU C 64 4.23 -11.74 -45.24
N SER C 65 4.24 -11.34 -46.51
CA SER C 65 5.38 -11.64 -47.38
C SER C 65 6.51 -10.61 -47.17
N ARG C 66 6.20 -9.49 -46.48
CA ARG C 66 7.26 -8.61 -46.01
C ARG C 66 7.56 -8.93 -44.51
N ILE C 67 8.17 -10.09 -44.24
CA ILE C 67 8.54 -10.41 -42.82
C ILE C 67 10.04 -10.29 -42.53
N ASN C 68 10.40 -9.11 -42.07
CA ASN C 68 11.78 -8.80 -41.75
C ASN C 68 12.08 -9.25 -40.29
N HIS C 69 11.15 -9.00 -39.36
CA HIS C 69 11.25 -9.51 -37.97
C HIS C 69 9.90 -10.06 -37.45
N PHE C 70 9.91 -11.20 -36.74
CA PHE C 70 8.65 -11.81 -36.27
C PHE C 70 8.71 -12.55 -34.92
N GLU C 71 8.72 -11.81 -33.81
CA GLU C 71 8.89 -12.45 -32.51
C GLU C 71 7.53 -12.55 -31.82
N LYS C 72 7.18 -13.75 -31.36
CA LYS C 72 5.96 -13.90 -30.58
C LYS C 72 6.26 -13.49 -29.15
N ILE C 73 5.43 -12.61 -28.61
CA ILE C 73 5.57 -12.18 -27.23
C ILE C 73 4.19 -12.24 -26.55
N GLN C 74 4.19 -12.33 -25.23
CA GLN C 74 2.94 -12.39 -24.47
C GLN C 74 2.44 -10.95 -24.29
N ILE C 75 1.13 -10.75 -24.15
CA ILE C 75 0.66 -9.40 -23.89
C ILE C 75 -0.31 -9.36 -22.72
N ILE C 76 -1.10 -10.42 -22.55
CA ILE C 76 -1.93 -10.56 -21.38
C ILE C 76 -1.87 -12.02 -20.93
N PRO C 77 -1.16 -12.28 -19.82
CA PRO C 77 -1.08 -13.65 -19.27
C PRO C 77 -2.44 -14.32 -19.12
N LYS C 78 -2.52 -15.60 -19.48
CA LYS C 78 -3.73 -16.36 -19.18
C LYS C 78 -3.95 -16.38 -17.66
N SER C 79 -2.89 -16.25 -16.87
CA SER C 79 -3.06 -16.37 -15.42
C SER C 79 -3.87 -15.22 -14.85
N SER C 80 -3.90 -14.10 -15.57
CA SER C 80 -4.40 -12.84 -15.02
C SER C 80 -5.91 -12.73 -15.08
N TRP C 81 -6.57 -13.81 -15.46
CA TRP C 81 -8.02 -13.80 -15.53
C TRP C 81 -8.57 -14.37 -14.22
N SER C 82 -8.82 -13.51 -13.25
CA SER C 82 -9.22 -13.97 -11.93
C SER C 82 -10.73 -14.22 -11.84
N ASP C 83 -11.52 -13.36 -12.49
CA ASP C 83 -12.98 -13.40 -12.28
C ASP C 83 -13.74 -13.99 -13.47
N HIS C 84 -13.01 -14.72 -14.31
CA HIS C 84 -13.59 -15.51 -15.38
C HIS C 84 -12.90 -16.85 -15.37
N GLU C 85 -13.46 -17.83 -16.08
CA GLU C 85 -12.88 -19.16 -16.10
C GLU C 85 -12.07 -19.40 -17.36
N ALA C 86 -10.75 -19.29 -17.25
CA ALA C 86 -9.90 -19.34 -18.45
C ALA C 86 -9.73 -20.75 -19.01
N SER C 87 -9.16 -21.61 -18.17
CA SER C 87 -9.00 -23.04 -18.47
C SER C 87 -10.36 -23.75 -18.49
N SER C 88 -11.00 -23.77 -19.66
CA SER C 88 -12.32 -24.38 -19.89
C SER C 88 -12.68 -24.13 -21.35
N GLY C 89 -12.19 -23.02 -21.91
CA GLY C 89 -12.28 -22.81 -23.34
C GLY C 89 -11.58 -23.96 -24.05
N VAL C 90 -12.25 -25.11 -24.06
CA VAL C 90 -11.73 -26.29 -24.76
C VAL C 90 -12.87 -27.00 -25.47
N SER C 91 -12.56 -27.62 -26.60
CA SER C 91 -13.61 -28.27 -27.39
C SER C 91 -13.22 -29.67 -27.87
N SER C 92 -14.24 -30.53 -28.05
CA SER C 92 -14.10 -31.77 -28.82
C SER C 92 -14.16 -31.46 -30.32
N ALA C 93 -13.17 -30.69 -30.79
CA ALA C 93 -13.13 -30.20 -32.17
C ALA C 93 -11.76 -29.60 -32.47
N CYS C 94 -11.09 -29.22 -31.38
CA CYS C 94 -9.71 -28.76 -31.36
C CYS C 94 -8.96 -29.72 -30.45
N PRO C 95 -8.67 -30.95 -30.95
CA PRO C 95 -8.14 -31.94 -30.00
C PRO C 95 -6.61 -31.94 -29.94
N TYR C 96 -6.09 -32.40 -28.80
CA TYR C 96 -4.65 -32.53 -28.57
C TYR C 96 -4.39 -33.67 -27.60
N GLN C 97 -3.74 -34.73 -28.08
CA GLN C 97 -3.48 -35.94 -27.26
C GLN C 97 -4.78 -36.51 -26.71
N GLY C 98 -5.84 -36.53 -27.53
CA GLY C 98 -7.12 -37.09 -27.12
C GLY C 98 -7.77 -36.40 -25.92
N THR C 99 -7.43 -35.13 -25.73
CA THR C 99 -8.17 -34.24 -24.83
C THR C 99 -8.73 -33.09 -25.68
N PRO C 100 -9.82 -32.46 -25.19
CA PRO C 100 -10.28 -31.22 -25.82
C PRO C 100 -9.30 -30.09 -25.51
N SER C 101 -9.00 -29.30 -26.52
CA SER C 101 -8.05 -28.20 -26.38
C SER C 101 -8.58 -26.96 -27.09
N PHE C 102 -7.67 -26.18 -27.66
CA PHE C 102 -8.01 -24.91 -28.31
C PHE C 102 -6.72 -24.24 -28.80
N PHE C 103 -6.88 -23.15 -29.55
CA PHE C 103 -5.73 -22.40 -30.04
C PHE C 103 -4.89 -21.94 -28.85
N ARG C 104 -3.57 -22.01 -28.99
CA ARG C 104 -2.71 -21.64 -27.88
C ARG C 104 -2.67 -20.11 -27.68
N ASN C 105 -2.47 -19.39 -28.78
CA ASN C 105 -2.27 -17.93 -28.73
C ASN C 105 -3.46 -17.10 -28.22
N VAL C 106 -4.68 -17.61 -28.35
CA VAL C 106 -5.79 -16.92 -27.74
C VAL C 106 -6.41 -17.76 -26.62
N VAL C 107 -7.45 -17.20 -26.02
CA VAL C 107 -8.02 -17.70 -24.79
C VAL C 107 -9.53 -17.65 -24.87
N TRP C 108 -10.20 -18.78 -24.76
CA TRP C 108 -11.65 -18.77 -24.84
C TRP C 108 -12.21 -18.70 -23.43
N LEU C 109 -12.55 -17.48 -23.04
CA LEU C 109 -13.06 -17.18 -21.71
C LEU C 109 -14.49 -17.61 -21.51
N ILE C 110 -14.68 -18.40 -20.45
CA ILE C 110 -15.98 -18.95 -20.04
C ILE C 110 -16.39 -18.39 -18.68
N LYS C 111 -17.69 -18.32 -18.40
CA LYS C 111 -18.20 -17.85 -17.10
C LYS C 111 -17.67 -18.66 -15.92
N LYS C 112 -17.78 -18.09 -14.72
CA LYS C 112 -17.32 -18.73 -13.48
C LYS C 112 -18.34 -18.44 -12.39
N ASN C 113 -18.71 -19.45 -11.61
CA ASN C 113 -19.82 -19.36 -10.67
C ASN C 113 -21.00 -18.68 -11.35
N ASN C 114 -21.54 -19.29 -12.39
CA ASN C 114 -22.75 -18.76 -13.01
C ASN C 114 -22.80 -17.22 -13.23
N THR C 115 -21.64 -16.56 -13.24
CA THR C 115 -21.56 -15.10 -13.53
C THR C 115 -20.53 -14.81 -14.60
N TYR C 116 -20.67 -13.67 -15.29
CA TYR C 116 -19.66 -13.22 -16.27
C TYR C 116 -19.59 -11.70 -16.24
N PRO C 117 -18.75 -11.15 -15.33
CA PRO C 117 -18.58 -9.71 -15.21
C PRO C 117 -18.00 -9.14 -16.49
N THR C 118 -18.40 -7.94 -16.88
CA THR C 118 -17.81 -7.34 -18.04
C THR C 118 -16.30 -7.29 -17.83
N ILE C 119 -15.58 -7.41 -18.93
CA ILE C 119 -14.14 -7.40 -18.94
C ILE C 119 -13.67 -6.07 -19.46
N LYS C 120 -12.73 -5.46 -18.76
CA LYS C 120 -12.10 -4.23 -19.21
C LYS C 120 -10.60 -4.46 -19.19
N ARG C 121 -10.01 -4.86 -20.33
CA ARG C 121 -8.54 -5.01 -20.37
C ARG C 121 -7.93 -3.98 -21.30
N SER C 122 -6.61 -3.82 -21.23
CA SER C 122 -5.99 -2.81 -22.06
C SER C 122 -4.48 -3.00 -22.15
N TYR C 123 -3.94 -2.88 -23.37
CA TYR C 123 -2.51 -3.09 -23.58
C TYR C 123 -1.88 -1.90 -24.27
N ASN C 124 -0.73 -1.46 -23.78
CA ASN C 124 0.03 -0.40 -24.40
C ASN C 124 1.26 -1.04 -25.04
N ASN C 125 1.47 -0.72 -26.30
CA ASN C 125 2.61 -1.22 -27.05
C ASN C 125 3.83 -0.38 -26.79
N THR C 126 4.71 -0.87 -25.95
CA THR C 126 5.86 -0.10 -25.53
C THR C 126 7.13 -0.75 -26.06
N ASN C 127 6.96 -1.56 -27.11
CA ASN C 127 8.03 -2.40 -27.63
C ASN C 127 8.85 -1.81 -28.78
N GLN C 128 8.85 -0.49 -28.98
CA GLN C 128 9.62 0.08 -30.10
C GLN C 128 9.19 -0.42 -31.53
N GLU C 129 8.25 -1.37 -31.58
CA GLU C 129 7.87 -2.04 -32.83
C GLU C 129 6.35 -2.17 -33.08
N ASP C 130 5.97 -2.50 -34.31
CA ASP C 130 4.58 -2.80 -34.63
C ASP C 130 4.28 -4.20 -34.11
N LEU C 131 3.02 -4.46 -33.82
CA LEU C 131 2.70 -5.69 -33.16
C LEU C 131 1.46 -6.24 -33.78
N LEU C 132 1.40 -7.54 -33.96
CA LEU C 132 0.26 -8.12 -34.63
C LEU C 132 -0.62 -8.80 -33.64
N ILE C 133 -1.82 -8.25 -33.44
CA ILE C 133 -2.70 -8.76 -32.41
C ILE C 133 -3.92 -9.45 -33.00
N LEU C 134 -4.33 -10.54 -32.36
CA LEU C 134 -5.34 -11.44 -32.90
C LEU C 134 -6.40 -11.73 -31.85
N TRP C 135 -7.67 -11.53 -32.15
CA TRP C 135 -8.69 -11.97 -31.20
C TRP C 135 -9.94 -12.51 -31.92
N GLY C 136 -11.05 -12.70 -31.22
CA GLY C 136 -12.19 -13.28 -31.86
C GLY C 136 -13.51 -13.21 -31.15
N ILE C 137 -14.56 -13.61 -31.81
CA ILE C 137 -15.85 -13.65 -31.18
C ILE C 137 -16.51 -14.99 -31.44
N HIS C 138 -17.16 -15.53 -30.41
CA HIS C 138 -17.86 -16.78 -30.58
C HIS C 138 -19.35 -16.61 -30.85
N HIS C 139 -19.76 -16.97 -32.06
CA HIS C 139 -21.18 -17.05 -32.44
C HIS C 139 -21.74 -18.38 -31.99
N SER C 140 -22.34 -18.41 -30.81
CA SER C 140 -22.85 -19.65 -30.24
C SER C 140 -24.14 -19.97 -30.95
N ASN C 141 -24.64 -21.19 -30.82
CA ASN C 141 -25.67 -21.54 -31.77
C ASN C 141 -27.11 -21.41 -31.26
N ASP C 142 -27.31 -21.32 -29.94
CA ASP C 142 -28.67 -21.10 -29.40
C ASP C 142 -28.69 -20.45 -27.99
N ALA C 143 -29.84 -20.01 -27.50
CA ALA C 143 -29.90 -19.37 -26.18
C ALA C 143 -29.37 -20.32 -25.09
N ALA C 144 -29.42 -21.62 -25.43
CA ALA C 144 -28.87 -22.67 -24.58
C ALA C 144 -27.37 -22.54 -24.38
N GLU C 145 -26.60 -22.67 -25.47
CA GLU C 145 -25.13 -22.64 -25.43
C GLU C 145 -24.73 -21.29 -24.84
N GLN C 146 -25.45 -20.25 -25.25
CA GLN C 146 -25.13 -18.91 -24.78
C GLN C 146 -25.17 -18.87 -23.25
N THR C 147 -26.35 -19.09 -22.64
CA THR C 147 -26.44 -19.11 -21.17
C THR C 147 -25.44 -20.09 -20.51
N LYS C 148 -25.31 -21.30 -21.04
CA LYS C 148 -24.38 -22.27 -20.47
C LYS C 148 -22.97 -21.74 -20.35
N LEU C 149 -22.50 -21.04 -21.39
CA LEU C 149 -21.10 -20.65 -21.47
C LEU C 149 -20.76 -19.26 -20.94
N TYR C 150 -21.73 -18.35 -20.96
CA TYR C 150 -21.41 -16.98 -20.63
C TYR C 150 -22.46 -16.35 -19.73
N GLN C 151 -23.54 -17.07 -19.48
CA GLN C 151 -24.63 -16.60 -18.60
C GLN C 151 -25.45 -15.44 -19.14
N ASN C 152 -24.80 -14.37 -19.60
CA ASN C 152 -25.53 -13.19 -20.09
C ASN C 152 -26.17 -13.43 -21.45
N PRO C 153 -27.50 -13.27 -21.55
CA PRO C 153 -28.25 -13.45 -22.80
C PRO C 153 -27.85 -12.47 -23.91
N THR C 154 -27.51 -11.23 -23.54
CA THR C 154 -27.24 -10.19 -24.51
C THR C 154 -25.85 -9.58 -24.34
N THR C 155 -24.91 -10.05 -25.16
CA THR C 155 -23.51 -9.67 -25.07
C THR C 155 -23.00 -8.79 -26.22
N TYR C 156 -21.82 -8.19 -26.03
CA TYR C 156 -21.14 -7.42 -27.07
C TYR C 156 -19.65 -7.69 -26.97
N ILE C 157 -18.88 -7.09 -27.88
CA ILE C 157 -17.42 -7.08 -27.79
C ILE C 157 -16.96 -5.73 -28.27
N SER C 158 -15.97 -5.14 -27.64
CA SER C 158 -15.60 -3.81 -28.03
C SER C 158 -14.08 -3.65 -28.01
N VAL C 159 -13.50 -3.55 -29.20
CA VAL C 159 -12.05 -3.42 -29.33
C VAL C 159 -11.71 -2.10 -29.99
N GLY C 160 -10.66 -1.44 -29.50
CA GLY C 160 -10.37 -0.10 -29.97
C GLY C 160 -8.94 0.33 -29.80
N THR C 161 -8.50 1.18 -30.72
CA THR C 161 -7.22 1.84 -30.59
C THR C 161 -7.41 3.29 -31.00
N SER C 162 -6.50 3.81 -31.83
CA SER C 162 -6.69 5.11 -32.44
C SER C 162 -6.90 4.91 -33.95
N THR C 163 -6.60 3.69 -34.41
CA THR C 163 -6.73 3.24 -35.79
C THR C 163 -7.98 2.39 -36.05
N LEU C 164 -8.54 1.80 -35.00
CA LEU C 164 -9.60 0.81 -35.11
C LEU C 164 -10.75 1.11 -34.15
N ASN C 165 -11.98 0.85 -34.56
CA ASN C 165 -13.10 0.86 -33.62
C ASN C 165 -14.07 -0.23 -33.98
N GLN C 166 -13.96 -1.33 -33.28
CA GLN C 166 -14.86 -2.42 -33.49
C GLN C 166 -15.77 -2.60 -32.29
N ARG C 167 -17.00 -2.99 -32.59
CA ARG C 167 -18.02 -3.29 -31.60
C ARG C 167 -19.00 -4.28 -32.20
N LEU C 168 -18.95 -5.52 -31.73
CA LEU C 168 -19.64 -6.60 -32.40
C LEU C 168 -20.61 -7.37 -31.53
N VAL C 169 -21.79 -7.59 -32.05
CA VAL C 169 -22.81 -8.40 -31.43
C VAL C 169 -22.67 -9.83 -31.96
N PRO C 170 -22.88 -10.84 -31.10
CA PRO C 170 -22.85 -12.24 -31.51
C PRO C 170 -24.13 -12.67 -32.26
N LYS C 171 -23.98 -13.29 -33.43
CA LYS C 171 -25.11 -13.77 -34.23
C LYS C 171 -25.55 -15.15 -33.79
N ILE C 172 -26.53 -15.26 -32.91
CA ILE C 172 -26.89 -16.57 -32.38
C ILE C 172 -27.75 -17.36 -33.37
N ALA C 173 -27.13 -18.38 -33.96
CA ALA C 173 -27.80 -19.23 -34.94
C ALA C 173 -27.15 -20.61 -34.96
N THR C 174 -27.92 -21.61 -35.38
CA THR C 174 -27.41 -22.98 -35.56
C THR C 174 -27.05 -23.25 -37.01
N ARG C 175 -25.77 -23.12 -37.35
CA ARG C 175 -25.34 -23.33 -38.73
C ARG C 175 -25.02 -24.81 -38.97
N SER C 176 -24.84 -25.19 -40.24
CA SER C 176 -24.49 -26.57 -40.57
C SER C 176 -23.27 -27.05 -39.75
N LYS C 177 -23.34 -28.27 -39.24
CA LYS C 177 -22.25 -28.83 -38.45
C LYS C 177 -20.99 -29.09 -39.27
N VAL C 178 -19.92 -28.44 -38.85
CA VAL C 178 -18.60 -28.63 -39.42
C VAL C 178 -17.65 -28.94 -38.26
N ASN C 179 -16.89 -30.02 -38.34
CA ASN C 179 -15.95 -30.40 -37.29
C ASN C 179 -16.64 -30.66 -35.94
N GLY C 180 -17.95 -30.91 -35.98
CA GLY C 180 -18.73 -31.28 -34.80
C GLY C 180 -19.48 -30.13 -34.17
N GLN C 181 -19.49 -28.99 -34.86
CA GLN C 181 -19.86 -27.72 -34.22
C GLN C 181 -20.84 -26.88 -35.03
N SER C 182 -21.98 -26.55 -34.42
CA SER C 182 -23.03 -25.80 -35.11
C SER C 182 -22.93 -24.29 -34.87
N GLY C 183 -21.99 -23.87 -34.02
CA GLY C 183 -21.64 -22.46 -33.89
C GLY C 183 -20.39 -22.14 -34.70
N ARG C 184 -19.99 -20.88 -34.68
CA ARG C 184 -18.84 -20.43 -35.46
C ARG C 184 -17.96 -19.48 -34.63
N MET C 185 -16.73 -19.26 -35.09
CA MET C 185 -15.84 -18.29 -34.46
C MET C 185 -15.19 -17.34 -35.46
N ASP C 186 -15.47 -16.04 -35.35
CA ASP C 186 -14.83 -15.05 -36.23
C ASP C 186 -13.56 -14.49 -35.62
N PHE C 187 -12.48 -14.47 -36.37
CA PHE C 187 -11.24 -13.92 -35.83
C PHE C 187 -10.82 -12.64 -36.55
N PHE C 188 -10.31 -11.69 -35.78
CA PHE C 188 -9.85 -10.41 -36.33
C PHE C 188 -8.41 -10.16 -35.95
N TRP C 189 -7.78 -9.22 -36.63
CA TRP C 189 -6.38 -8.89 -36.35
C TRP C 189 -6.11 -7.42 -36.57
N THR C 190 -5.04 -6.92 -35.98
CA THR C 190 -4.70 -5.53 -36.21
C THR C 190 -3.23 -5.29 -35.98
N ILE C 191 -2.73 -4.22 -36.57
CA ILE C 191 -1.39 -3.78 -36.26
C ILE C 191 -1.47 -2.73 -35.17
N LEU C 192 -0.68 -2.91 -34.12
CA LEU C 192 -0.54 -1.92 -33.07
C LEU C 192 0.81 -1.22 -33.18
N LYS C 193 0.77 0.07 -33.46
CA LYS C 193 1.97 0.90 -33.52
C LYS C 193 2.56 1.11 -32.12
N PRO C 194 3.88 1.39 -32.02
CA PRO C 194 4.48 1.77 -30.74
C PRO C 194 3.75 2.93 -30.07
N ASN C 195 3.55 2.79 -28.76
CA ASN C 195 2.86 3.76 -27.88
C ASN C 195 1.36 3.97 -28.15
N ASP C 196 0.78 3.12 -28.99
CA ASP C 196 -0.67 3.04 -29.11
C ASP C 196 -1.20 2.00 -28.14
N ALA C 197 -2.37 2.25 -27.56
CA ALA C 197 -2.98 1.27 -26.69
C ALA C 197 -4.21 0.68 -27.36
N ILE C 198 -4.46 -0.59 -27.08
CA ILE C 198 -5.68 -1.22 -27.51
C ILE C 198 -6.53 -1.55 -26.28
N ASN C 199 -7.81 -1.26 -26.38
CA ASN C 199 -8.77 -1.52 -25.32
C ASN C 199 -9.77 -2.59 -25.67
N PHE C 200 -9.92 -3.54 -24.75
CA PHE C 200 -10.99 -4.53 -24.87
C PHE C 200 -12.08 -4.31 -23.82
N GLU C 201 -13.33 -4.48 -24.23
CA GLU C 201 -14.45 -4.50 -23.30
C GLU C 201 -15.45 -5.56 -23.74
N SER C 202 -15.78 -6.51 -22.88
CA SER C 202 -16.67 -7.60 -23.31
C SER C 202 -17.39 -8.32 -22.18
N ASN C 203 -18.69 -8.56 -22.33
CA ASN C 203 -19.41 -9.34 -21.34
C ASN C 203 -19.83 -10.71 -21.82
N GLY C 204 -18.99 -11.34 -22.64
CA GLY C 204 -19.30 -12.66 -23.16
C GLY C 204 -18.86 -12.86 -24.59
N ASN C 205 -18.61 -14.11 -24.96
CA ASN C 205 -18.32 -14.46 -26.34
C ASN C 205 -17.02 -13.85 -26.82
N PHE C 206 -16.13 -13.53 -25.91
CA PHE C 206 -14.88 -12.92 -26.29
C PHE C 206 -13.81 -13.99 -26.45
N ILE C 207 -13.03 -13.91 -27.50
CA ILE C 207 -11.86 -14.77 -27.62
C ILE C 207 -10.68 -13.86 -27.39
N ALA C 208 -10.09 -13.96 -26.21
CA ALA C 208 -9.17 -12.94 -25.71
C ALA C 208 -7.73 -13.21 -26.15
N PRO C 209 -7.00 -12.18 -26.60
CA PRO C 209 -5.62 -12.44 -26.99
C PRO C 209 -4.79 -12.88 -25.82
N GLU C 210 -3.81 -13.74 -26.03
CA GLU C 210 -2.82 -13.97 -24.99
C GLU C 210 -1.46 -13.72 -25.56
N TYR C 211 -1.28 -14.18 -26.79
CA TYR C 211 -0.02 -14.03 -27.47
C TYR C 211 -0.18 -13.16 -28.71
N ALA C 212 0.76 -12.23 -28.89
CA ALA C 212 0.77 -11.41 -30.09
C ALA C 212 2.11 -11.54 -30.76
N TYR C 213 2.27 -10.89 -31.89
CA TYR C 213 3.50 -11.04 -32.66
C TYR C 213 4.17 -9.70 -32.88
N LYS C 214 5.49 -9.69 -32.76
CA LYS C 214 6.29 -8.51 -33.08
C LYS C 214 6.50 -8.41 -34.58
N ILE C 215 6.85 -7.24 -35.06
CA ILE C 215 7.06 -7.03 -36.51
C ILE C 215 8.33 -6.24 -36.80
#